data_1UGY
#
_entry.id   1UGY
#
_cell.length_a   80.460
_cell.length_b   99.830
_cell.length_c   105.650
_cell.angle_alpha   90.00
_cell.angle_beta   90.00
_cell.angle_gamma   90.00
#
_symmetry.space_group_name_H-M   'P 21 21 21'
#
loop_
_entity.id
_entity.type
_entity.pdbx_description
1 polymer 'Agglutinin alpha chain'
2 polymer 'Agglutinin beta-3 chain'
3 polymer 'Agglutinin alpha chain'
4 branched alpha-D-galactopyranose-(1-6)-alpha-D-glucopyranose
5 branched alpha-D-galactopyranose-(1-6)-beta-D-glucopyranose
6 water water
#
loop_
_entity_poly.entity_id
_entity_poly.type
_entity_poly.pdbx_seq_one_letter_code
_entity_poly.pdbx_strand_id
1 'polypeptide(L)'
;GKAFDDGAFTGIREINLSYNKETAIGDFQVVYDLNGSPYVGQNHVSFITGFTPVKISLDFPSEYIMEVSGYTGNVSGYVV
VRSLTFKTNKKTYGPYGVTSGTPFNLPIENGLIVGFKGSIGYWLDYFSMYLSL
;
A,G
2 'polypeptide(L)' DEQSGISQTVIVGPWGAKSS B,D,F,H
3 'polypeptide(L)'
;GKAFDDGAFTGIREINLSYNKETAIGDFQVVYDLNGSPYVGQNHKSFITGFTPVKISLDFPSEYIMEVSGYTGNVSGYVV
VRSLTFKTNKKTYGPYGVTSGTPFNLPIENGLIVGFKGSIGYWLDYFSMYLSL
;
C,E
#
# COMPACT_ATOMS: atom_id res chain seq x y z
N GLY A 1 -29.87 11.22 4.97
CA GLY A 1 -29.57 12.06 3.78
C GLY A 1 -29.16 11.23 2.57
N LYS A 2 -28.63 11.90 1.55
CA LYS A 2 -28.20 11.21 0.34
C LYS A 2 -26.72 10.87 0.47
N ALA A 3 -26.41 9.58 0.34
CA ALA A 3 -25.05 9.09 0.44
C ALA A 3 -24.23 9.41 -0.81
N PHE A 4 -22.92 9.58 -0.62
CA PHE A 4 -22.03 9.85 -1.74
C PHE A 4 -20.66 9.21 -1.51
N ASP A 5 -19.97 8.90 -2.60
CA ASP A 5 -18.66 8.27 -2.53
C ASP A 5 -17.82 8.74 -3.72
N ASP A 6 -16.85 9.61 -3.46
CA ASP A 6 -15.98 10.12 -4.51
C ASP A 6 -14.94 9.11 -4.99
N GLY A 7 -14.49 8.25 -4.09
CA GLY A 7 -13.47 7.28 -4.44
C GLY A 7 -12.07 7.78 -4.10
N ALA A 8 -11.04 7.10 -4.61
CA ALA A 8 -9.67 7.50 -4.31
C ALA A 8 -8.98 8.17 -5.49
N PHE A 9 -8.13 9.16 -5.19
CA PHE A 9 -7.38 9.89 -6.20
C PHE A 9 -5.90 10.02 -5.84
N THR A 10 -5.20 10.92 -6.53
CA THR A 10 -3.76 11.12 -6.32
C THR A 10 -3.41 12.12 -5.23
N GLY A 11 -4.34 13.02 -4.93
CA GLY A 11 -4.12 14.01 -3.90
C GLY A 11 -5.25 15.03 -3.85
N ILE A 12 -5.08 16.09 -3.06
CA ILE A 12 -6.11 17.11 -2.94
C ILE A 12 -5.59 18.49 -3.35
N ARG A 13 -6.31 19.14 -4.27
CA ARG A 13 -5.93 20.46 -4.75
C ARG A 13 -6.77 21.57 -4.10
N GLU A 14 -8.06 21.30 -3.93
CA GLU A 14 -8.94 22.31 -3.37
C GLU A 14 -10.21 21.74 -2.74
N ILE A 15 -10.61 22.32 -1.61
CA ILE A 15 -11.82 21.91 -0.90
C ILE A 15 -12.82 23.06 -0.86
N ASN A 16 -14.03 22.82 -1.33
CA ASN A 16 -15.09 23.83 -1.32
C ASN A 16 -16.25 23.32 -0.48
N LEU A 17 -16.54 24.03 0.62
CA LEU A 17 -17.63 23.63 1.50
C LEU A 17 -18.41 24.86 1.98
N SER A 18 -19.59 24.61 2.54
CA SER A 18 -20.41 25.69 3.06
C SER A 18 -20.84 25.28 4.47
N TYR A 19 -21.13 26.27 5.31
CA TYR A 19 -21.54 25.98 6.68
C TYR A 19 -22.41 27.10 7.22
N ASN A 20 -22.91 26.91 8.44
CA ASN A 20 -23.74 27.88 9.12
C ASN A 20 -23.25 27.84 10.55
N LYS A 21 -22.64 28.92 11.02
CA LYS A 21 -22.10 28.97 12.38
C LYS A 21 -23.07 28.56 13.48
N GLU A 22 -24.37 28.58 13.21
CA GLU A 22 -25.33 28.21 14.23
C GLU A 22 -25.95 26.81 14.05
N THR A 23 -25.59 26.11 12.99
CA THR A 23 -26.10 24.75 12.77
C THR A 23 -25.00 23.73 12.52
N ALA A 24 -24.66 23.51 11.26
CA ALA A 24 -23.63 22.54 10.92
C ALA A 24 -23.10 22.73 9.51
N ILE A 25 -22.34 21.75 9.04
CA ILE A 25 -21.78 21.80 7.71
C ILE A 25 -22.83 21.44 6.67
N GLY A 26 -22.83 22.19 5.58
CA GLY A 26 -23.79 21.96 4.53
C GLY A 26 -23.22 21.30 3.31
N ASP A 27 -22.86 22.10 2.30
CA ASP A 27 -22.32 21.57 1.06
C ASP A 27 -20.87 21.11 1.17
N PHE A 28 -20.49 20.16 0.31
CA PHE A 28 -19.15 19.62 0.30
C PHE A 28 -18.73 19.17 -1.09
N GLN A 29 -17.61 19.70 -1.56
CA GLN A 29 -17.12 19.37 -2.89
C GLN A 29 -15.60 19.46 -2.90
N VAL A 30 -14.95 18.54 -3.61
CA VAL A 30 -13.49 18.50 -3.65
C VAL A 30 -12.89 18.47 -5.05
N VAL A 31 -11.83 19.25 -5.26
CA VAL A 31 -11.13 19.25 -6.53
C VAL A 31 -9.90 18.43 -6.24
N TYR A 32 -9.87 17.21 -6.77
CA TYR A 32 -8.77 16.28 -6.54
C TYR A 32 -7.67 16.39 -7.57
N ASP A 33 -6.57 15.69 -7.31
CA ASP A 33 -5.50 15.62 -8.26
C ASP A 33 -5.60 14.21 -8.81
N LEU A 34 -5.48 14.08 -10.12
CA LEU A 34 -5.53 12.77 -10.76
C LEU A 34 -4.31 12.63 -11.65
N ASN A 35 -3.21 12.18 -11.06
CA ASN A 35 -1.98 11.98 -11.81
C ASN A 35 -1.44 13.26 -12.45
N GLY A 36 -1.40 14.35 -11.68
CA GLY A 36 -0.88 15.59 -12.22
C GLY A 36 -1.87 16.56 -12.83
N SER A 37 -3.11 16.12 -13.04
CA SER A 37 -4.15 16.97 -13.61
C SER A 37 -5.29 17.16 -12.61
N PRO A 38 -5.94 18.32 -12.66
CA PRO A 38 -7.05 18.61 -11.75
C PRO A 38 -8.30 17.81 -12.12
N TYR A 39 -8.97 17.24 -11.12
CA TYR A 39 -10.19 16.49 -11.38
C TYR A 39 -11.27 17.04 -10.45
N VAL A 40 -12.27 17.66 -11.06
CA VAL A 40 -13.38 18.27 -10.33
C VAL A 40 -14.40 17.24 -9.86
N GLY A 41 -14.46 17.04 -8.54
CA GLY A 41 -15.39 16.08 -7.99
C GLY A 41 -16.82 16.57 -8.00
N GLN A 42 -17.75 15.64 -7.96
CA GLN A 42 -19.17 15.97 -7.95
C GLN A 42 -19.49 16.86 -6.75
N ASN A 43 -20.43 17.78 -6.93
CA ASN A 43 -20.80 18.67 -5.84
C ASN A 43 -21.91 18.04 -5.01
N HIS A 44 -21.66 17.86 -3.72
CA HIS A 44 -22.64 17.26 -2.83
C HIS A 44 -23.32 18.36 -2.05
N VAL A 45 -24.50 18.73 -2.53
CA VAL A 45 -25.27 19.82 -1.96
C VAL A 45 -26.27 19.44 -0.88
N SER A 46 -26.49 20.38 0.02
CA SER A 46 -27.45 20.23 1.11
C SER A 46 -28.86 20.35 0.56
N PHE A 47 -29.83 19.71 1.22
CA PHE A 47 -31.22 19.77 0.75
C PHE A 47 -31.75 21.20 0.83
N ILE A 48 -31.17 22.00 1.72
CA ILE A 48 -31.59 23.39 1.90
C ILE A 48 -30.46 24.35 1.51
N THR A 49 -30.68 25.64 1.70
CA THR A 49 -29.70 26.67 1.37
C THR A 49 -29.48 27.64 2.53
N GLY A 50 -28.67 28.67 2.30
CA GLY A 50 -28.42 29.65 3.34
C GLY A 50 -27.11 29.48 4.09
N PHE A 51 -26.17 28.77 3.48
CA PHE A 51 -24.86 28.52 4.10
C PHE A 51 -23.81 29.53 3.60
N THR A 52 -22.71 29.63 4.34
CA THR A 52 -21.61 30.52 3.96
C THR A 52 -20.55 29.70 3.22
N PRO A 53 -20.28 30.04 1.95
CA PRO A 53 -19.28 29.32 1.15
C PRO A 53 -17.85 29.57 1.62
N VAL A 54 -17.00 28.56 1.46
CA VAL A 54 -15.61 28.66 1.84
C VAL A 54 -14.79 27.90 0.81
N LYS A 55 -13.71 28.51 0.35
CA LYS A 55 -12.83 27.87 -0.61
C LYS A 55 -11.46 27.68 0.01
N ILE A 56 -10.96 26.45 -0.03
CA ILE A 56 -9.65 26.17 0.53
C ILE A 56 -8.77 25.75 -0.64
N SER A 57 -7.93 26.67 -1.10
CA SER A 57 -7.03 26.38 -2.21
C SER A 57 -5.67 26.05 -1.61
N LEU A 58 -5.18 24.85 -1.92
CA LEU A 58 -3.90 24.39 -1.40
C LEU A 58 -2.80 24.58 -2.43
N ASP A 59 -1.60 24.91 -1.95
CA ASP A 59 -0.45 25.09 -2.82
C ASP A 59 0.07 23.70 -3.16
N PHE A 60 -0.71 22.98 -3.96
CA PHE A 60 -0.36 21.62 -4.37
C PHE A 60 0.84 21.67 -5.32
N PRO A 61 1.79 20.73 -5.20
CA PRO A 61 1.82 19.62 -4.24
C PRO A 61 2.65 19.83 -2.97
N SER A 62 3.23 21.01 -2.79
CA SER A 62 4.05 21.25 -1.61
C SER A 62 3.24 21.42 -0.32
N GLU A 63 1.94 21.65 -0.44
CA GLU A 63 1.08 21.78 0.74
C GLU A 63 0.05 20.66 0.76
N TYR A 64 -0.14 20.04 1.92
CA TYR A 64 -1.10 18.95 2.07
C TYR A 64 -1.59 18.82 3.51
N ILE A 65 -2.79 18.27 3.65
CA ILE A 65 -3.42 18.09 4.94
C ILE A 65 -2.66 17.15 5.87
N MET A 66 -2.47 17.57 7.11
CA MET A 66 -1.77 16.77 8.12
C MET A 66 -2.71 16.37 9.25
N GLU A 67 -3.80 17.12 9.40
CA GLU A 67 -4.77 16.79 10.43
C GLU A 67 -6.16 17.32 10.13
N VAL A 68 -7.14 16.46 10.34
CA VAL A 68 -8.54 16.84 10.15
C VAL A 68 -9.19 16.66 11.52
N SER A 69 -9.92 17.67 11.98
CA SER A 69 -10.58 17.59 13.28
C SER A 69 -11.92 18.30 13.22
N GLY A 70 -12.76 18.08 14.23
CA GLY A 70 -14.07 18.71 14.25
C GLY A 70 -14.95 18.28 15.41
N TYR A 71 -16.25 18.53 15.25
CA TYR A 71 -17.23 18.18 16.26
C TYR A 71 -18.48 17.59 15.64
N THR A 72 -19.12 16.69 16.37
CA THR A 72 -20.37 16.10 15.92
C THR A 72 -21.38 16.32 17.03
N GLY A 73 -22.66 16.27 16.70
CA GLY A 73 -23.68 16.48 17.70
C GLY A 73 -25.02 16.65 17.02
N ASN A 74 -26.06 16.93 17.80
CA ASN A 74 -27.39 17.09 17.25
C ASN A 74 -27.73 18.47 16.72
N VAL A 75 -28.72 18.47 15.84
CA VAL A 75 -29.31 19.64 15.22
C VAL A 75 -30.69 18.99 15.12
N SER A 76 -31.62 19.45 15.95
CA SER A 76 -32.93 18.83 16.02
C SER A 76 -32.64 17.39 16.46
N GLY A 77 -33.32 16.41 15.92
CA GLY A 77 -33.07 15.04 16.34
C GLY A 77 -31.87 14.31 15.73
N TYR A 78 -31.36 14.80 14.61
CA TYR A 78 -30.25 14.16 13.92
C TYR A 78 -28.84 14.46 14.43
N VAL A 79 -27.97 13.47 14.35
CA VAL A 79 -26.57 13.64 14.74
C VAL A 79 -25.85 14.01 13.45
N VAL A 80 -25.06 15.08 13.48
CA VAL A 80 -24.36 15.52 12.29
C VAL A 80 -22.98 16.08 12.61
N VAL A 81 -22.26 16.47 11.56
CA VAL A 81 -20.93 17.04 11.72
C VAL A 81 -21.14 18.53 11.83
N ARG A 82 -20.98 19.06 13.03
CA ARG A 82 -21.18 20.48 13.28
C ARG A 82 -20.03 21.37 12.88
N SER A 83 -18.81 20.85 12.96
CA SER A 83 -17.65 21.67 12.65
C SER A 83 -16.47 20.89 12.08
N LEU A 84 -15.65 21.57 11.28
CA LEU A 84 -14.47 20.98 10.68
C LEU A 84 -13.32 21.98 10.65
N THR A 85 -12.10 21.46 10.77
CA THR A 85 -10.89 22.27 10.72
C THR A 85 -9.89 21.47 9.90
N PHE A 86 -9.09 22.15 9.09
CA PHE A 86 -8.09 21.48 8.25
C PHE A 86 -6.72 22.11 8.48
N LYS A 87 -5.80 21.31 9.01
CA LYS A 87 -4.46 21.79 9.26
C LYS A 87 -3.49 21.17 8.25
N THR A 88 -2.75 22.02 7.54
CA THR A 88 -1.77 21.53 6.57
C THR A 88 -0.39 21.85 7.12
N ASN A 89 0.64 21.58 6.31
CA ASN A 89 2.01 21.84 6.74
C ASN A 89 2.36 23.31 6.58
N LYS A 90 1.38 24.12 6.20
CA LYS A 90 1.57 25.55 6.01
C LYS A 90 0.58 26.45 6.77
N LYS A 91 -0.70 26.09 6.78
CA LYS A 91 -1.71 26.90 7.46
C LYS A 91 -2.80 26.05 8.10
N THR A 92 -3.67 26.71 8.86
CA THR A 92 -4.80 26.06 9.50
C THR A 92 -6.03 26.72 8.93
N TYR A 93 -6.98 25.92 8.42
CA TYR A 93 -8.20 26.45 7.86
C TYR A 93 -9.38 26.11 8.75
N GLY A 94 -9.97 27.14 9.34
CA GLY A 94 -11.10 26.93 10.22
C GLY A 94 -10.76 27.34 11.64
N PRO A 95 -11.56 26.91 12.62
CA PRO A 95 -12.74 26.06 12.44
C PRO A 95 -13.90 26.70 11.69
N TYR A 96 -14.74 25.87 11.11
CA TYR A 96 -15.91 26.33 10.37
C TYR A 96 -17.13 25.68 11.00
N GLY A 97 -18.01 26.48 11.59
CA GLY A 97 -19.20 25.94 12.22
C GLY A 97 -19.22 25.92 13.74
N VAL A 98 -20.23 25.25 14.29
CA VAL A 98 -20.40 25.13 15.75
C VAL A 98 -19.28 24.33 16.42
N THR A 99 -18.35 25.00 17.10
CA THR A 99 -17.26 24.28 17.76
C THR A 99 -17.66 23.79 19.14
N SER A 100 -18.72 23.00 19.18
CA SER A 100 -19.21 22.45 20.43
C SER A 100 -19.78 21.06 20.16
N GLY A 101 -19.81 20.21 21.18
CA GLY A 101 -20.34 18.87 21.01
C GLY A 101 -19.27 17.84 21.32
N THR A 102 -19.22 16.77 20.55
CA THR A 102 -18.23 15.74 20.77
C THR A 102 -17.08 15.91 19.78
N PRO A 103 -15.87 16.17 20.29
CA PRO A 103 -14.70 16.36 19.43
C PRO A 103 -14.18 15.09 18.79
N PHE A 104 -13.45 15.25 17.70
CA PHE A 104 -12.83 14.12 17.02
C PHE A 104 -11.66 14.71 16.23
N ASN A 105 -10.61 13.93 16.03
CA ASN A 105 -9.48 14.41 15.26
C ASN A 105 -8.66 13.25 14.75
N LEU A 106 -8.13 13.45 13.55
CA LEU A 106 -7.31 12.45 12.90
C LEU A 106 -6.00 13.05 12.42
N PRO A 107 -4.93 12.92 13.21
CA PRO A 107 -3.62 13.45 12.82
C PRO A 107 -2.96 12.40 11.94
N ILE A 108 -2.08 12.81 11.03
CA ILE A 108 -1.41 11.86 10.14
C ILE A 108 0.11 12.02 10.22
N GLU A 109 0.82 11.00 10.71
CA GLU A 109 2.28 11.05 10.79
C GLU A 109 2.88 10.74 9.43
N ASN A 110 2.30 9.75 8.76
CA ASN A 110 2.80 9.32 7.47
C ASN A 110 1.64 8.83 6.60
N GLY A 111 1.42 9.51 5.49
CA GLY A 111 0.33 9.12 4.59
C GLY A 111 -0.40 10.35 4.07
N LEU A 112 -1.41 10.14 3.24
CA LEU A 112 -2.17 11.24 2.66
C LEU A 112 -3.66 10.92 2.58
N ILE A 113 -4.48 11.97 2.56
CA ILE A 113 -5.92 11.80 2.41
C ILE A 113 -6.09 11.86 0.90
N VAL A 114 -6.72 10.85 0.31
CA VAL A 114 -6.90 10.85 -1.14
C VAL A 114 -8.34 10.63 -1.60
N GLY A 115 -9.30 10.87 -0.70
CA GLY A 115 -10.69 10.68 -1.08
C GLY A 115 -11.64 10.84 0.09
N PHE A 116 -12.90 11.11 -0.25
CA PHE A 116 -13.96 11.31 0.74
C PHE A 116 -15.23 10.58 0.36
N LYS A 117 -16.02 10.24 1.37
CA LYS A 117 -17.30 9.58 1.18
C LYS A 117 -18.11 9.96 2.41
N GLY A 118 -19.43 9.93 2.28
CA GLY A 118 -20.27 10.29 3.40
C GLY A 118 -21.74 10.42 3.03
N SER A 119 -22.44 11.30 3.72
CA SER A 119 -23.86 11.53 3.48
C SER A 119 -24.26 12.94 3.87
N ILE A 120 -25.17 13.52 3.09
CA ILE A 120 -25.64 14.87 3.35
C ILE A 120 -27.14 14.98 3.11
N GLY A 121 -27.85 15.48 4.11
CA GLY A 121 -29.28 15.69 4.00
C GLY A 121 -29.43 17.20 4.09
N TYR A 122 -29.86 17.69 5.24
CA TYR A 122 -29.96 19.12 5.43
C TYR A 122 -28.53 19.56 5.78
N TRP A 123 -27.81 18.65 6.45
CA TRP A 123 -26.43 18.89 6.88
C TRP A 123 -25.61 17.64 6.62
N LEU A 124 -24.30 17.74 6.82
CA LEU A 124 -23.40 16.61 6.62
C LEU A 124 -23.64 15.59 7.74
N ASP A 125 -24.32 14.49 7.40
CA ASP A 125 -24.64 13.45 8.39
C ASP A 125 -23.41 12.75 8.97
N TYR A 126 -22.46 12.42 8.11
CA TYR A 126 -21.25 11.72 8.53
C TYR A 126 -20.29 11.60 7.35
N PHE A 127 -19.04 11.26 7.62
CA PHE A 127 -18.09 11.11 6.53
C PHE A 127 -16.90 10.22 6.89
N SER A 128 -16.23 9.74 5.86
CA SER A 128 -15.04 8.90 6.01
C SER A 128 -13.96 9.39 5.04
N MET A 129 -12.72 8.96 5.26
CA MET A 129 -11.62 9.38 4.41
C MET A 129 -10.76 8.22 3.88
N TYR A 130 -10.27 8.38 2.66
CA TYR A 130 -9.39 7.38 2.05
C TYR A 130 -7.95 7.78 2.38
N LEU A 131 -7.15 6.82 2.84
CA LEU A 131 -5.75 7.09 3.17
C LEU A 131 -4.82 6.23 2.32
N SER A 132 -3.68 6.80 1.95
CA SER A 132 -2.71 6.10 1.14
C SER A 132 -1.32 6.68 1.34
N LEU A 133 -0.31 5.99 0.83
CA LEU A 133 1.06 6.46 0.92
C LEU A 133 1.34 7.29 -0.32
N GLN B 3 -9.65 -12.44 -5.85
CA GLN B 3 -10.38 -11.17 -5.57
C GLN B 3 -11.03 -10.64 -6.86
N SER B 4 -11.44 -9.38 -6.86
CA SER B 4 -12.06 -8.78 -8.04
C SER B 4 -11.05 -7.91 -8.77
N GLY B 5 -11.53 -7.20 -9.79
CA GLY B 5 -10.64 -6.34 -10.56
C GLY B 5 -10.68 -4.91 -10.08
N ILE B 6 -11.08 -4.70 -8.84
CA ILE B 6 -11.18 -3.36 -8.25
C ILE B 6 -10.11 -3.12 -7.18
N SER B 7 -9.43 -1.98 -7.28
CA SER B 7 -8.37 -1.59 -6.36
C SER B 7 -8.92 -1.20 -4.98
N GLN B 8 -8.15 -1.48 -3.93
CA GLN B 8 -8.54 -1.15 -2.55
C GLN B 8 -7.67 -0.07 -1.94
N THR B 9 -8.20 0.55 -0.89
CA THR B 9 -7.50 1.59 -0.15
C THR B 9 -7.98 1.55 1.30
N VAL B 10 -7.17 2.08 2.21
CA VAL B 10 -7.53 2.14 3.61
C VAL B 10 -8.62 3.21 3.75
N ILE B 11 -9.60 2.96 4.59
CA ILE B 11 -10.68 3.91 4.79
C ILE B 11 -10.95 4.03 6.28
N VAL B 12 -10.76 5.22 6.84
CA VAL B 12 -11.02 5.44 8.25
C VAL B 12 -12.34 6.21 8.37
N GLY B 13 -13.08 5.95 9.44
CA GLY B 13 -14.35 6.61 9.64
C GLY B 13 -15.46 5.57 9.79
N PRO B 14 -16.73 6.00 9.82
CA PRO B 14 -17.13 7.40 9.72
C PRO B 14 -17.28 8.11 11.06
N TRP B 15 -17.39 9.44 11.00
CA TRP B 15 -17.60 10.26 12.17
C TRP B 15 -18.93 10.95 11.86
N GLY B 16 -19.80 11.01 12.86
CA GLY B 16 -21.11 11.59 12.65
C GLY B 16 -22.15 10.53 12.99
N ALA B 17 -23.31 10.58 12.35
CA ALA B 17 -24.38 9.63 12.63
C ALA B 17 -23.98 8.20 12.30
N LYS B 18 -24.60 7.24 12.97
CA LYS B 18 -24.31 5.82 12.75
C LYS B 18 -24.99 5.32 11.48
N GLY C 1 8.43 11.02 28.84
CA GLY C 1 8.61 9.58 29.13
C GLY C 1 9.59 8.92 28.19
N LYS C 2 9.63 7.59 28.24
CA LYS C 2 10.52 6.80 27.40
C LYS C 2 9.76 6.37 26.14
N ALA C 3 10.21 6.85 24.98
CA ALA C 3 9.56 6.51 23.73
C ALA C 3 9.80 5.07 23.28
N PHE C 4 8.82 4.51 22.57
CA PHE C 4 8.94 3.16 22.04
C PHE C 4 8.32 3.14 20.66
N ASP C 5 8.72 2.16 19.86
CA ASP C 5 8.19 2.03 18.52
C ASP C 5 8.28 0.57 18.14
N ASP C 6 7.16 -0.15 18.24
CA ASP C 6 7.13 -1.56 17.90
C ASP C 6 7.34 -1.85 16.42
N GLY C 7 6.86 -0.95 15.56
CA GLY C 7 7.00 -1.18 14.13
C GLY C 7 5.76 -1.85 13.54
N ALA C 8 5.87 -2.30 12.30
CA ALA C 8 4.75 -2.93 11.61
C ALA C 8 4.85 -4.45 11.52
N PHE C 9 3.70 -5.10 11.70
CA PHE C 9 3.64 -6.55 11.63
C PHE C 9 2.53 -7.04 10.70
N THR C 10 2.10 -8.29 10.87
CA THR C 10 1.07 -8.87 10.03
C THR C 10 -0.32 -8.81 10.64
N GLY C 11 -0.38 -8.65 11.97
CA GLY C 11 -1.65 -8.59 12.65
C GLY C 11 -1.45 -8.52 14.15
N ILE C 12 -2.56 -8.54 14.89
CA ILE C 12 -2.53 -8.47 16.34
C ILE C 12 -3.22 -9.70 16.91
N ARG C 13 -2.56 -10.37 17.86
CA ARG C 13 -3.12 -11.55 18.49
C ARG C 13 -3.57 -11.28 19.91
N GLU C 14 -2.80 -10.45 20.61
CA GLU C 14 -3.12 -10.16 22.00
C GLU C 14 -2.55 -8.85 22.50
N ILE C 15 -3.33 -8.17 23.33
CA ILE C 15 -2.93 -6.90 23.92
C ILE C 15 -2.98 -6.99 25.44
N ASN C 16 -1.87 -6.66 26.07
CA ASN C 16 -1.76 -6.67 27.52
C ASN C 16 -1.51 -5.24 27.99
N LEU C 17 -2.39 -4.72 28.83
CA LEU C 17 -2.22 -3.36 29.33
C LEU C 17 -2.65 -3.29 30.79
N SER C 18 -2.26 -2.23 31.48
CA SER C 18 -2.63 -2.05 32.87
C SER C 18 -3.14 -0.63 33.06
N TYR C 19 -4.01 -0.45 34.03
CA TYR C 19 -4.58 0.87 34.29
C TYR C 19 -4.82 1.04 35.78
N ASN C 20 -5.13 2.27 36.16
CA ASN C 20 -5.42 2.64 37.55
C ASN C 20 -6.74 3.42 37.49
N LYS C 21 -7.74 2.94 38.22
CA LYS C 21 -9.06 3.58 38.23
C LYS C 21 -9.05 5.05 38.60
N GLU C 22 -7.92 5.55 39.08
CA GLU C 22 -7.82 6.96 39.47
C GLU C 22 -6.93 7.83 38.60
N THR C 23 -5.97 7.25 37.88
CA THR C 23 -5.10 8.07 37.05
C THR C 23 -5.23 7.84 35.56
N ALA C 24 -4.48 6.87 35.03
CA ALA C 24 -4.51 6.60 33.60
C ALA C 24 -3.93 5.24 33.23
N ILE C 25 -3.71 5.04 31.94
CA ILE C 25 -3.15 3.80 31.41
C ILE C 25 -1.65 3.75 31.74
N GLY C 26 -1.20 2.59 32.20
CA GLY C 26 0.20 2.42 32.55
C GLY C 26 1.03 1.59 31.57
N ASP C 27 1.14 0.29 31.83
CA ASP C 27 1.94 -0.59 30.98
C ASP C 27 1.22 -0.95 29.69
N PHE C 28 1.99 -1.25 28.66
CA PHE C 28 1.44 -1.58 27.36
C PHE C 28 2.32 -2.56 26.60
N GLN C 29 1.76 -3.69 26.21
CA GLN C 29 2.51 -4.67 25.46
C GLN C 29 1.59 -5.41 24.50
N VAL C 30 2.13 -5.79 23.34
CA VAL C 30 1.35 -6.45 22.32
C VAL C 30 2.00 -7.73 21.79
N VAL C 31 1.17 -8.73 21.54
CA VAL C 31 1.68 -9.96 20.95
C VAL C 31 1.14 -9.90 19.52
N TYR C 32 2.05 -9.63 18.58
CA TYR C 32 1.70 -9.52 17.18
C TYR C 32 1.77 -10.85 16.47
N ASP C 33 1.37 -10.83 15.21
CA ASP C 33 1.46 -12.02 14.39
C ASP C 33 2.48 -11.65 13.32
N LEU C 34 3.45 -12.51 13.11
CA LEU C 34 4.46 -12.26 12.09
C LEU C 34 4.41 -13.38 11.09
N ASN C 35 3.71 -13.14 9.99
CA ASN C 35 3.57 -14.12 8.91
C ASN C 35 3.07 -15.47 9.40
N GLY C 36 2.16 -15.47 10.36
CA GLY C 36 1.63 -16.73 10.84
C GLY C 36 2.19 -17.21 12.17
N SER C 37 3.22 -16.55 12.68
CA SER C 37 3.79 -16.93 13.97
C SER C 37 3.61 -15.83 15.00
N PRO C 38 3.42 -16.20 16.26
CA PRO C 38 3.25 -15.19 17.30
C PRO C 38 4.60 -14.50 17.50
N TYR C 39 4.58 -13.20 17.74
CA TYR C 39 5.81 -12.46 17.98
C TYR C 39 5.55 -11.55 19.16
N VAL C 40 6.25 -11.80 20.26
CA VAL C 40 6.06 -11.01 21.47
C VAL C 40 6.82 -9.70 21.44
N GLY C 41 6.08 -8.59 21.50
CA GLY C 41 6.70 -7.28 21.48
C GLY C 41 7.26 -6.90 22.83
N GLN C 42 8.19 -5.95 22.86
CA GLN C 42 8.78 -5.52 24.11
C GLN C 42 7.68 -5.01 25.03
N ASN C 43 7.82 -5.27 26.32
CA ASN C 43 6.85 -4.82 27.29
C ASN C 43 7.27 -3.40 27.69
N HIS C 44 6.37 -2.45 27.46
CA HIS C 44 6.64 -1.05 27.78
C HIS C 44 5.97 -0.75 29.11
N LYS C 45 6.77 -0.68 30.17
CA LYS C 45 6.27 -0.47 31.52
C LYS C 45 6.37 0.94 32.09
N SER C 46 5.46 1.24 32.99
CA SER C 46 5.38 2.51 33.69
C SER C 46 6.59 2.64 34.63
N PHE C 47 6.96 3.88 34.98
CA PHE C 47 8.08 4.11 35.90
C PHE C 47 7.67 3.74 37.32
N ILE C 48 6.36 3.65 37.56
CA ILE C 48 5.84 3.29 38.88
C ILE C 48 4.95 2.06 38.79
N THR C 49 4.42 1.63 39.93
CA THR C 49 3.56 0.44 39.98
C THR C 49 2.17 0.76 40.53
N GLY C 50 1.37 -0.27 40.79
CA GLY C 50 0.04 -0.09 41.34
C GLY C 50 -1.09 -0.11 40.32
N PHE C 51 -0.83 -0.71 39.16
CA PHE C 51 -1.85 -0.79 38.10
C PHE C 51 -2.51 -2.17 38.07
N THR C 52 -3.67 -2.24 37.43
CA THR C 52 -4.40 -3.49 37.30
C THR C 52 -4.19 -4.00 35.87
N PRO C 53 -3.61 -5.19 35.72
CA PRO C 53 -3.36 -5.76 34.39
C PRO C 53 -4.62 -6.28 33.71
N VAL C 54 -4.63 -6.18 32.38
CA VAL C 54 -5.73 -6.64 31.56
C VAL C 54 -5.20 -7.35 30.33
N LYS C 55 -5.72 -8.54 30.05
CA LYS C 55 -5.29 -9.29 28.88
C LYS C 55 -6.43 -9.37 27.87
N ILE C 56 -6.21 -8.86 26.67
CA ILE C 56 -7.22 -8.91 25.62
C ILE C 56 -6.75 -9.96 24.62
N SER C 57 -7.34 -11.14 24.69
CA SER C 57 -6.96 -12.23 23.79
C SER C 57 -7.91 -12.34 22.64
N LEU C 58 -7.42 -12.00 21.44
CA LEU C 58 -8.22 -12.04 20.23
C LEU C 58 -8.19 -13.39 19.56
N ASP C 59 -9.30 -13.75 18.93
CA ASP C 59 -9.42 -15.00 18.23
C ASP C 59 -8.88 -14.83 16.81
N PHE C 60 -7.60 -14.51 16.71
CA PHE C 60 -6.91 -14.28 15.43
C PHE C 60 -7.00 -15.51 14.54
N PRO C 61 -7.24 -15.33 13.22
CA PRO C 61 -7.42 -14.07 12.48
C PRO C 61 -8.87 -13.70 12.15
N SER C 62 -9.83 -14.46 12.67
CA SER C 62 -11.23 -14.16 12.38
C SER C 62 -11.74 -12.96 13.19
N GLU C 63 -11.08 -12.64 14.30
CA GLU C 63 -11.45 -11.49 15.11
C GLU C 63 -10.37 -10.41 15.03
N TYR C 64 -10.75 -9.18 14.70
CA TYR C 64 -9.81 -8.07 14.60
C TYR C 64 -10.44 -6.74 15.02
N ILE C 65 -9.59 -5.79 15.42
CA ILE C 65 -10.02 -4.45 15.86
C ILE C 65 -10.70 -3.68 14.73
N MET C 66 -11.82 -3.03 15.05
CA MET C 66 -12.56 -2.23 14.09
C MET C 66 -12.58 -0.77 14.51
N GLU C 67 -12.33 -0.53 15.80
CA GLU C 67 -12.30 0.83 16.33
C GLU C 67 -11.60 0.92 17.67
N VAL C 68 -10.77 1.96 17.80
CA VAL C 68 -10.05 2.23 19.03
C VAL C 68 -10.52 3.61 19.48
N SER C 69 -10.89 3.76 20.75
CA SER C 69 -11.30 5.06 21.25
C SER C 69 -10.81 5.22 22.67
N GLY C 70 -10.90 6.42 23.20
CA GLY C 70 -10.46 6.65 24.57
C GLY C 70 -10.60 8.11 24.98
N TYR C 71 -9.82 8.52 25.96
CA TYR C 71 -9.83 9.90 26.47
C TYR C 71 -8.43 10.35 26.83
N THR C 72 -8.09 11.59 26.46
CA THR C 72 -6.79 12.12 26.83
C THR C 72 -7.09 13.22 27.84
N GLY C 73 -6.30 13.28 28.90
CA GLY C 73 -6.53 14.28 29.91
C GLY C 73 -5.30 14.65 30.69
N ASN C 74 -5.44 15.59 31.60
CA ASN C 74 -4.34 16.04 32.42
C ASN C 74 -4.29 15.28 33.74
N VAL C 75 -3.11 14.81 34.09
CA VAL C 75 -2.91 14.08 35.33
C VAL C 75 -1.63 14.61 35.95
N SER C 76 -1.75 15.19 37.13
CA SER C 76 -0.61 15.77 37.84
C SER C 76 0.25 16.68 36.98
N GLY C 77 -0.38 17.42 36.08
CA GLY C 77 0.36 18.34 35.23
C GLY C 77 0.79 17.82 33.88
N TYR C 78 0.46 16.58 33.54
CA TYR C 78 0.84 16.00 32.26
C TYR C 78 -0.37 15.53 31.46
N VAL C 79 -0.34 15.74 30.15
CA VAL C 79 -1.42 15.28 29.29
C VAL C 79 -1.08 13.83 28.95
N VAL C 80 -1.97 12.91 29.32
CA VAL C 80 -1.76 11.50 29.05
C VAL C 80 -3.03 10.82 28.59
N VAL C 81 -2.90 9.57 28.11
CA VAL C 81 -4.05 8.82 27.66
C VAL C 81 -4.67 8.21 28.90
N ARG C 82 -5.83 8.72 29.31
CA ARG C 82 -6.47 8.22 30.52
C ARG C 82 -7.32 7.00 30.36
N SER C 83 -7.77 6.72 29.14
CA SER C 83 -8.62 5.56 28.94
C SER C 83 -8.56 5.05 27.52
N LEU C 84 -8.83 3.76 27.36
CA LEU C 84 -8.84 3.11 26.05
C LEU C 84 -9.94 2.06 25.97
N THR C 85 -10.48 1.89 24.78
CA THR C 85 -11.52 0.90 24.52
C THR C 85 -11.25 0.29 23.16
N PHE C 86 -11.32 -1.03 23.06
CA PHE C 86 -11.10 -1.70 21.79
C PHE C 86 -12.36 -2.45 21.37
N LYS C 87 -12.81 -2.17 20.16
CA LYS C 87 -13.99 -2.82 19.63
C LYS C 87 -13.60 -3.65 18.42
N THR C 88 -13.91 -4.94 18.46
CA THR C 88 -13.60 -5.84 17.36
C THR C 88 -14.90 -6.21 16.68
N ASN C 89 -14.82 -7.03 15.65
CA ASN C 89 -16.01 -7.44 14.93
C ASN C 89 -16.81 -8.45 15.75
N LYS C 90 -16.30 -8.81 16.92
CA LYS C 90 -16.98 -9.76 17.77
C LYS C 90 -17.48 -9.20 19.09
N LYS C 91 -16.74 -8.24 19.66
CA LYS C 91 -17.16 -7.64 20.92
C LYS C 91 -16.38 -6.39 21.31
N THR C 92 -16.72 -5.83 22.47
CA THR C 92 -16.08 -4.63 22.98
C THR C 92 -15.29 -4.89 24.24
N TYR C 93 -14.06 -4.40 24.28
CA TYR C 93 -13.20 -4.58 25.44
C TYR C 93 -12.93 -3.20 26.04
N GLY C 94 -13.36 -3.03 27.28
CA GLY C 94 -13.18 -1.77 27.96
C GLY C 94 -14.55 -1.16 28.25
N PRO C 95 -14.59 0.12 28.63
CA PRO C 95 -13.41 0.97 28.79
C PRO C 95 -12.52 0.60 29.96
N TYR C 96 -11.23 0.93 29.84
CA TYR C 96 -10.25 0.67 30.89
C TYR C 96 -9.67 2.02 31.26
N GLY C 97 -9.56 2.28 32.56
CA GLY C 97 -9.01 3.55 32.99
C GLY C 97 -10.10 4.53 33.38
N VAL C 98 -9.79 5.82 33.25
CA VAL C 98 -10.73 6.87 33.62
C VAL C 98 -11.36 7.51 32.38
N THR C 99 -12.68 7.37 32.26
CA THR C 99 -13.41 7.95 31.13
C THR C 99 -13.75 9.41 31.40
N SER C 100 -12.71 10.25 31.41
CA SER C 100 -12.86 11.67 31.66
C SER C 100 -11.78 12.48 30.93
N GLY C 101 -12.19 13.59 30.31
CA GLY C 101 -11.25 14.40 29.58
C GLY C 101 -11.74 14.66 28.16
N THR C 102 -10.83 14.63 27.18
CA THR C 102 -11.17 14.85 25.78
C THR C 102 -11.19 13.51 25.06
N PRO C 103 -12.35 13.14 24.48
CA PRO C 103 -12.44 11.87 23.76
C PRO C 103 -11.85 11.90 22.35
N PHE C 104 -11.46 10.72 21.86
CA PHE C 104 -10.94 10.55 20.52
C PHE C 104 -11.37 9.14 20.11
N ASN C 105 -11.51 8.89 18.81
CA ASN C 105 -11.90 7.56 18.37
C ASN C 105 -11.53 7.40 16.91
N LEU C 106 -11.02 6.22 16.57
CA LEU C 106 -10.62 5.93 15.21
C LEU C 106 -11.33 4.68 14.70
N PRO C 107 -12.39 4.85 13.89
CA PRO C 107 -13.12 3.70 13.37
C PRO C 107 -12.46 3.34 12.03
N ILE C 108 -12.40 2.05 11.69
CA ILE C 108 -11.82 1.62 10.43
C ILE C 108 -12.87 0.91 9.57
N GLU C 109 -13.11 1.42 8.36
CA GLU C 109 -14.07 0.81 7.44
C GLU C 109 -13.35 -0.26 6.65
N ASN C 110 -12.10 0.02 6.28
CA ASN C 110 -11.30 -0.89 5.48
C ASN C 110 -9.83 -0.74 5.88
N GLY C 111 -9.24 -1.84 6.36
CA GLY C 111 -7.85 -1.81 6.76
C GLY C 111 -7.63 -2.51 8.09
N LEU C 112 -6.39 -2.49 8.56
CA LEU C 112 -6.04 -3.14 9.82
C LEU C 112 -4.97 -2.37 10.58
N ILE C 113 -5.01 -2.51 11.90
CA ILE C 113 -4.00 -1.90 12.76
C ILE C 113 -2.92 -2.97 12.82
N VAL C 114 -1.71 -2.63 12.40
CA VAL C 114 -0.62 -3.59 12.41
C VAL C 114 0.59 -3.20 13.25
N GLY C 115 0.48 -2.14 14.03
CA GLY C 115 1.61 -1.76 14.87
C GLY C 115 1.27 -0.61 15.78
N PHE C 116 2.11 -0.40 16.79
CA PHE C 116 1.93 0.67 17.76
C PHE C 116 3.28 1.34 18.09
N LYS C 117 3.20 2.62 18.46
CA LYS C 117 4.37 3.39 18.86
C LYS C 117 3.87 4.44 19.84
N GLY C 118 4.75 4.95 20.68
CA GLY C 118 4.32 5.95 21.64
C GLY C 118 5.39 6.31 22.65
N SER C 119 4.94 6.62 23.87
CA SER C 119 5.83 7.00 24.96
C SER C 119 5.14 6.72 26.29
N ILE C 120 5.89 6.23 27.26
CA ILE C 120 5.35 5.91 28.58
C ILE C 120 6.29 6.39 29.68
N GLY C 121 5.76 7.23 30.57
CA GLY C 121 6.53 7.73 31.70
C GLY C 121 5.85 7.11 32.90
N TYR C 122 5.14 7.90 33.69
CA TYR C 122 4.40 7.32 34.80
C TYR C 122 3.17 6.69 34.12
N TRP C 123 2.67 7.36 33.08
CA TRP C 123 1.51 6.90 32.33
C TRP C 123 1.78 6.98 30.84
N LEU C 124 0.84 6.46 30.05
CA LEU C 124 0.95 6.50 28.59
C LEU C 124 0.81 7.94 28.10
N ASP C 125 1.92 8.54 27.69
CA ASP C 125 1.93 9.92 27.23
C ASP C 125 1.17 10.15 25.93
N TYR C 126 1.35 9.25 24.98
CA TYR C 126 0.71 9.35 23.68
C TYR C 126 1.03 8.10 22.87
N PHE C 127 0.30 7.89 21.78
CA PHE C 127 0.55 6.75 20.93
C PHE C 127 0.00 6.96 19.54
N SER C 128 0.56 6.25 18.58
CA SER C 128 0.14 6.31 17.18
C SER C 128 -0.08 4.87 16.76
N MET C 129 -0.74 4.68 15.63
CA MET C 129 -0.98 3.32 15.15
C MET C 129 -0.60 3.19 13.69
N TYR C 130 -0.10 2.01 13.32
CA TYR C 130 0.27 1.71 11.94
C TYR C 130 -0.95 1.04 11.28
N LEU C 131 -1.33 1.52 10.11
CA LEU C 131 -2.47 0.95 9.40
C LEU C 131 -2.02 0.38 8.07
N SER C 132 -2.65 -0.70 7.65
CA SER C 132 -2.31 -1.33 6.39
C SER C 132 -3.48 -2.16 5.87
N LEU C 133 -3.36 -2.64 4.64
CA LEU C 133 -4.39 -3.48 4.02
C LEU C 133 -3.98 -4.92 4.23
N GLN D 3 15.12 7.17 -2.33
CA GLN D 3 14.36 6.20 -1.48
C GLN D 3 15.32 5.28 -0.73
N SER D 4 15.00 4.96 0.53
CA SER D 4 15.85 4.07 1.31
C SER D 4 15.33 2.64 1.15
N GLY D 5 16.01 1.70 1.79
CA GLY D 5 15.59 0.32 1.70
C GLY D 5 14.65 -0.06 2.82
N ILE D 6 14.01 0.94 3.44
CA ILE D 6 13.09 0.69 4.54
C ILE D 6 11.64 0.81 4.09
N SER D 7 10.87 -0.25 4.29
CA SER D 7 9.46 -0.28 3.90
C SER D 7 8.64 0.72 4.71
N GLN D 8 7.59 1.25 4.09
CA GLN D 8 6.72 2.23 4.76
C GLN D 8 5.26 1.82 4.83
N THR D 9 4.57 2.36 5.82
CA THR D 9 3.16 2.10 6.01
C THR D 9 2.52 3.36 6.59
N VAL D 10 1.20 3.49 6.41
CA VAL D 10 0.47 4.65 6.91
C VAL D 10 0.49 4.66 8.44
N ILE D 11 0.71 5.83 9.03
CA ILE D 11 0.71 5.98 10.49
C ILE D 11 -0.21 7.12 10.90
N VAL D 12 -1.19 6.82 11.76
CA VAL D 12 -2.10 7.85 12.25
C VAL D 12 -1.80 8.08 13.73
N GLY D 13 -1.95 9.33 14.14
CA GLY D 13 -1.69 9.70 15.52
C GLY D 13 -0.68 10.86 15.48
N PRO D 14 -0.15 11.27 16.63
CA PRO D 14 -0.46 10.68 17.93
C PRO D 14 -1.65 11.31 18.63
N TRP D 15 -2.10 10.64 19.68
CA TRP D 15 -3.19 11.10 20.52
C TRP D 15 -2.57 11.16 21.90
N GLY D 16 -2.81 12.26 22.61
CA GLY D 16 -2.25 12.43 23.94
C GLY D 16 -1.34 13.65 23.97
N ALA D 17 -0.33 13.63 24.85
CA ALA D 17 0.60 14.74 24.96
C ALA D 17 1.13 15.17 23.59
N LYS D 18 1.60 16.41 23.49
CA LYS D 18 2.13 16.91 22.23
C LYS D 18 3.65 16.96 22.26
N GLY E 1 12.09 8.10 -28.22
CA GLY E 1 10.67 8.42 -28.50
C GLY E 1 10.08 9.36 -27.49
N LYS E 2 8.79 9.66 -27.62
CA LYS E 2 8.11 10.56 -26.69
C LYS E 2 7.58 9.79 -25.49
N ALA E 3 7.96 10.22 -24.29
CA ALA E 3 7.55 9.56 -23.06
C ALA E 3 6.12 9.86 -22.63
N PHE E 4 5.48 8.87 -21.99
CA PHE E 4 4.11 9.06 -21.51
C PHE E 4 3.97 8.39 -20.15
N ASP E 5 3.03 8.87 -19.35
CA ASP E 5 2.79 8.33 -18.02
C ASP E 5 1.32 8.53 -17.68
N ASP E 6 0.51 7.50 -17.90
CA ASP E 6 -0.92 7.58 -17.61
C ASP E 6 -1.23 7.76 -16.12
N GLY E 7 -0.39 7.19 -15.25
CA GLY E 7 -0.64 7.30 -13.84
C GLY E 7 -1.37 6.08 -13.31
N ALA E 8 -1.87 6.15 -12.08
CA ALA E 8 -2.58 5.01 -11.48
C ALA E 8 -4.08 5.23 -11.37
N PHE E 9 -4.86 4.17 -11.53
CA PHE E 9 -6.31 4.24 -11.44
C PHE E 9 -6.83 3.13 -10.53
N THR E 10 -8.09 2.75 -10.69
CA THR E 10 -8.65 1.70 -9.84
C THR E 10 -8.84 0.37 -10.55
N GLY E 11 -8.60 0.34 -11.86
CA GLY E 11 -8.75 -0.88 -12.61
C GLY E 11 -8.59 -0.67 -14.11
N ILE E 12 -8.76 -1.74 -14.89
CA ILE E 12 -8.63 -1.65 -16.33
C ILE E 12 -9.84 -2.26 -17.04
N ARG E 13 -10.44 -1.50 -17.95
CA ARG E 13 -11.60 -1.93 -18.68
C ARG E 13 -11.29 -2.40 -20.10
N GLU E 14 -10.42 -1.66 -20.78
CA GLU E 14 -10.09 -2.01 -22.15
C GLU E 14 -8.72 -1.49 -22.59
N ILE E 15 -8.06 -2.29 -23.43
CA ILE E 15 -6.75 -1.94 -23.97
C ILE E 15 -6.81 -1.94 -25.49
N ASN E 16 -6.26 -0.89 -26.09
CA ASN E 16 -6.21 -0.77 -27.54
C ASN E 16 -4.77 -0.55 -27.97
N LEU E 17 -4.29 -1.41 -28.86
CA LEU E 17 -2.92 -1.28 -29.33
C LEU E 17 -2.79 -1.77 -30.75
N SER E 18 -1.72 -1.36 -31.41
CA SER E 18 -1.47 -1.78 -32.78
C SER E 18 -0.08 -2.36 -32.89
N TYR E 19 0.12 -3.24 -33.87
CA TYR E 19 1.41 -3.86 -34.07
C TYR E 19 1.66 -4.07 -35.55
N ASN E 20 2.87 -4.53 -35.86
CA ASN E 20 3.28 -4.82 -37.23
C ASN E 20 4.05 -6.13 -37.15
N LYS E 21 3.62 -7.12 -37.93
CA LYS E 21 4.26 -8.42 -37.93
C LYS E 21 5.71 -8.42 -38.36
N GLU E 22 6.23 -7.27 -38.78
CA GLU E 22 7.61 -7.22 -39.22
C GLU E 22 8.49 -6.31 -38.39
N THR E 23 7.87 -5.52 -37.54
CA THR E 23 8.63 -4.61 -36.69
C THR E 23 8.33 -4.86 -35.22
N ALA E 24 7.51 -3.99 -34.64
CA ALA E 24 7.16 -4.12 -33.23
C ALA E 24 5.80 -3.48 -32.95
N ILE E 25 5.53 -3.23 -31.67
CA ILE E 25 4.27 -2.62 -31.24
C ILE E 25 4.30 -1.12 -31.56
N GLY E 26 3.17 -0.59 -32.00
CA GLY E 26 3.10 0.81 -32.36
C GLY E 26 2.33 1.70 -31.39
N ASP E 27 1.01 1.74 -31.54
CA ASP E 27 0.18 2.58 -30.70
C ASP E 27 -0.27 1.87 -29.43
N PHE E 28 -0.52 2.65 -28.38
CA PHE E 28 -0.96 2.10 -27.11
C PHE E 28 -1.94 3.04 -26.41
N GLN E 29 -3.13 2.54 -26.09
CA GLN E 29 -4.15 3.34 -25.43
C GLN E 29 -4.97 2.47 -24.46
N VAL E 30 -5.32 3.02 -23.30
CA VAL E 30 -6.06 2.25 -22.30
C VAL E 30 -7.28 2.96 -21.72
N VAL E 31 -8.36 2.20 -21.55
CA VAL E 31 -9.56 2.73 -20.94
C VAL E 31 -9.55 2.12 -19.54
N TYR E 32 -9.29 2.97 -18.55
CA TYR E 32 -9.21 2.54 -17.17
C TYR E 32 -10.54 2.70 -16.45
N ASP E 33 -10.61 2.11 -15.26
CA ASP E 33 -11.78 2.28 -14.43
C ASP E 33 -11.32 3.28 -13.38
N LEU E 34 -12.18 4.25 -13.09
CA LEU E 34 -11.88 5.25 -12.08
C LEU E 34 -13.03 5.29 -11.10
N ASN E 35 -12.90 4.55 -10.01
CA ASN E 35 -13.95 4.51 -9.00
C ASN E 35 -15.31 4.13 -9.58
N GLY E 36 -15.35 3.13 -10.45
CA GLY E 36 -16.61 2.70 -11.00
C GLY E 36 -17.03 3.27 -12.34
N SER E 37 -16.29 4.26 -12.85
CA SER E 37 -16.61 4.87 -14.13
C SER E 37 -15.46 4.70 -15.10
N PRO E 38 -15.77 4.61 -16.41
CA PRO E 38 -14.73 4.46 -17.43
C PRO E 38 -13.96 5.75 -17.60
N TYR E 39 -12.64 5.68 -17.61
CA TYR E 39 -11.84 6.87 -17.82
C TYR E 39 -10.95 6.57 -19.01
N VAL E 40 -11.17 7.30 -20.09
CA VAL E 40 -10.40 7.11 -21.32
C VAL E 40 -9.07 7.83 -21.29
N GLY E 41 -7.98 7.07 -21.27
CA GLY E 41 -6.65 7.66 -21.24
C GLY E 41 -6.25 8.15 -22.62
N GLN E 42 -5.25 9.02 -22.68
CA GLN E 42 -4.80 9.55 -23.98
C GLN E 42 -4.29 8.45 -24.87
N ASN E 43 -4.39 8.67 -26.17
CA ASN E 43 -3.91 7.69 -27.14
C ASN E 43 -2.45 8.05 -27.43
N HIS E 44 -1.56 7.11 -27.14
CA HIS E 44 -0.13 7.30 -27.37
C HIS E 44 0.17 6.64 -28.71
N LYS E 45 0.46 7.46 -29.71
CA LYS E 45 0.71 6.95 -31.06
C LYS E 45 2.14 6.98 -31.55
N SER E 46 2.41 6.11 -32.51
CA SER E 46 3.71 5.99 -33.15
C SER E 46 3.91 7.17 -34.10
N PHE E 47 5.17 7.54 -34.33
CA PHE E 47 5.46 8.65 -35.25
C PHE E 47 5.08 8.29 -36.69
N ILE E 48 4.80 7.01 -36.93
CA ILE E 48 4.44 6.56 -38.28
C ILE E 48 3.14 5.74 -38.26
N THR E 49 2.82 5.11 -39.38
CA THR E 49 1.60 4.31 -39.51
C THR E 49 1.79 2.95 -40.17
N GLY E 50 0.68 2.26 -40.40
CA GLY E 50 0.73 0.95 -41.03
C GLY E 50 0.58 -0.21 -40.06
N PHE E 51 0.14 0.08 -38.85
CA PHE E 51 -0.03 -0.95 -37.82
C PHE E 51 -1.43 -1.56 -37.83
N THR E 52 -1.53 -2.81 -37.40
CA THR E 52 -2.82 -3.50 -37.31
C THR E 52 -3.42 -3.28 -35.92
N PRO E 53 -4.60 -2.64 -35.84
CA PRO E 53 -5.29 -2.36 -34.58
C PRO E 53 -5.85 -3.61 -33.90
N VAL E 54 -5.94 -3.54 -32.57
CA VAL E 54 -6.47 -4.63 -31.76
C VAL E 54 -7.14 -4.05 -30.53
N LYS E 55 -8.34 -4.52 -30.23
CA LYS E 55 -9.08 -4.05 -29.08
C LYS E 55 -9.28 -5.18 -28.07
N ILE E 56 -8.86 -4.95 -26.83
CA ILE E 56 -9.02 -5.95 -25.78
C ILE E 56 -10.07 -5.44 -24.81
N SER E 57 -11.29 -5.97 -24.91
CA SER E 57 -12.38 -5.57 -24.03
C SER E 57 -12.54 -6.57 -22.91
N LEU E 58 -12.24 -6.14 -21.70
CA LEU E 58 -12.35 -7.02 -20.54
C LEU E 58 -13.72 -6.93 -19.90
N ASP E 59 -14.19 -8.04 -19.36
CA ASP E 59 -15.48 -8.07 -18.70
C ASP E 59 -15.29 -7.65 -17.24
N PHE E 60 -14.95 -6.38 -17.06
CA PHE E 60 -14.71 -5.76 -15.76
C PHE E 60 -15.98 -5.83 -14.89
N PRO E 61 -15.84 -6.09 -13.58
CA PRO E 61 -14.59 -6.34 -12.85
C PRO E 61 -14.29 -7.82 -12.61
N SER E 62 -15.13 -8.70 -13.12
CA SER E 62 -14.90 -10.13 -12.92
C SER E 62 -13.70 -10.65 -13.70
N GLU E 63 -13.27 -9.92 -14.72
CA GLU E 63 -12.11 -10.34 -15.50
C GLU E 63 -10.97 -9.34 -15.32
N TYR E 64 -9.78 -9.85 -14.98
CA TYR E 64 -8.62 -8.99 -14.80
C TYR E 64 -7.32 -9.71 -15.19
N ILE E 65 -6.31 -8.93 -15.55
CA ILE E 65 -5.01 -9.46 -15.98
C ILE E 65 -4.28 -10.19 -14.85
N MET E 66 -3.76 -11.37 -15.15
CA MET E 66 -3.02 -12.18 -14.19
C MET E 66 -1.55 -12.33 -14.58
N GLU E 67 -1.24 -12.01 -15.83
CA GLU E 67 0.13 -12.09 -16.32
C GLU E 67 0.33 -11.36 -17.64
N VAL E 68 1.45 -10.65 -17.71
CA VAL E 68 1.83 -9.92 -18.91
C VAL E 68 3.19 -10.44 -19.36
N SER E 69 3.30 -10.78 -20.63
CA SER E 69 4.55 -11.29 -21.16
C SER E 69 4.78 -10.72 -22.56
N GLY E 70 6.00 -10.85 -23.05
CA GLY E 70 6.30 -10.34 -24.38
C GLY E 70 7.73 -10.57 -24.78
N TYR E 71 8.20 -9.78 -25.74
CA TYR E 71 9.56 -9.89 -26.26
C TYR E 71 10.11 -8.51 -26.55
N THR E 72 11.37 -8.30 -26.22
CA THR E 72 12.03 -7.05 -26.51
C THR E 72 13.15 -7.45 -27.47
N GLY E 73 13.54 -6.55 -28.35
CA GLY E 73 14.58 -6.89 -29.30
C GLY E 73 15.00 -5.72 -30.15
N ASN E 74 16.01 -5.94 -30.98
CA ASN E 74 16.53 -4.91 -31.86
C ASN E 74 15.73 -4.74 -33.13
N VAL E 75 15.51 -3.48 -33.50
CA VAL E 75 14.81 -3.14 -34.73
C VAL E 75 15.41 -1.81 -35.15
N SER E 76 16.03 -1.80 -36.33
CA SER E 76 16.67 -0.61 -36.87
C SER E 76 17.70 0.00 -35.91
N GLY E 77 18.37 -0.82 -35.13
CA GLY E 77 19.38 -0.31 -34.23
C GLY E 77 18.87 0.15 -32.87
N TYR E 78 17.57 0.02 -32.64
CA TYR E 78 16.97 0.43 -31.38
C TYR E 78 16.43 -0.80 -30.66
N VAL E 79 16.35 -0.76 -29.34
CA VAL E 79 15.78 -1.86 -28.59
C VAL E 79 14.35 -1.46 -28.30
N VAL E 80 13.40 -2.30 -28.67
CA VAL E 80 11.98 -1.99 -28.48
C VAL E 80 11.17 -3.20 -28.07
N VAL E 81 9.92 -2.98 -27.67
CA VAL E 81 9.02 -4.06 -27.29
C VAL E 81 8.41 -4.55 -28.60
N ARG E 82 8.67 -5.80 -28.96
CA ARG E 82 8.16 -6.32 -30.22
C ARG E 82 6.87 -7.13 -30.11
N SER E 83 6.57 -7.61 -28.91
CA SER E 83 5.36 -8.41 -28.74
C SER E 83 4.79 -8.34 -27.33
N LEU E 84 3.47 -8.53 -27.22
CA LEU E 84 2.81 -8.52 -25.93
C LEU E 84 1.68 -9.54 -25.87
N THR E 85 1.48 -10.12 -24.69
CA THR E 85 0.42 -11.09 -24.47
C THR E 85 -0.19 -10.80 -23.11
N PHE E 86 -1.52 -10.80 -23.07
CA PHE E 86 -2.26 -10.51 -21.85
C PHE E 86 -3.10 -11.70 -21.45
N LYS E 87 -2.81 -12.26 -20.28
CA LYS E 87 -3.54 -13.40 -19.78
C LYS E 87 -4.41 -13.00 -18.59
N THR E 88 -5.72 -13.23 -18.70
CA THR E 88 -6.65 -12.91 -17.63
C THR E 88 -7.09 -14.21 -16.98
N ASN E 89 -8.00 -14.11 -16.02
CA ASN E 89 -8.49 -15.28 -15.33
C ASN E 89 -9.55 -16.02 -16.16
N LYS E 90 -9.82 -15.49 -17.36
CA LYS E 90 -10.82 -16.09 -18.23
C LYS E 90 -10.31 -16.40 -19.63
N LYS E 91 -9.25 -15.74 -20.05
CA LYS E 91 -8.75 -15.97 -21.40
C LYS E 91 -7.34 -15.40 -21.64
N THR E 92 -6.78 -15.72 -22.79
CA THR E 92 -5.47 -15.25 -23.18
C THR E 92 -5.60 -14.42 -24.45
N TYR E 93 -4.98 -13.24 -24.44
CA TYR E 93 -5.03 -12.35 -25.60
C TYR E 93 -3.65 -12.18 -26.18
N GLY E 94 -3.49 -12.63 -27.42
CA GLY E 94 -2.21 -12.52 -28.08
C GLY E 94 -1.64 -13.89 -28.37
N PRO E 95 -0.33 -13.97 -28.67
CA PRO E 95 0.56 -12.81 -28.70
C PRO E 95 0.28 -11.88 -29.87
N TYR E 96 0.68 -10.62 -29.69
CA TYR E 96 0.50 -9.60 -30.72
C TYR E 96 1.87 -9.07 -31.11
N GLY E 97 2.25 -9.28 -32.37
CA GLY E 97 3.54 -8.82 -32.83
C GLY E 97 4.52 -9.93 -33.14
N VAL E 98 5.79 -9.59 -33.22
CA VAL E 98 6.85 -10.54 -33.53
C VAL E 98 7.40 -11.22 -32.27
N THR E 99 7.16 -12.51 -32.11
CA THR E 99 7.66 -13.21 -30.93
C THR E 99 9.13 -13.58 -31.14
N SER E 100 9.97 -12.56 -31.26
CA SER E 100 11.39 -12.75 -31.49
C SER E 100 12.23 -11.80 -30.64
N GLY E 101 13.33 -12.32 -30.09
CA GLY E 101 14.20 -11.49 -29.27
C GLY E 101 14.36 -12.06 -27.87
N THR E 102 14.32 -11.19 -26.85
CA THR E 102 14.46 -11.60 -25.46
C THR E 102 13.10 -11.61 -24.77
N PRO E 103 12.68 -12.76 -24.25
CA PRO E 103 11.38 -12.82 -23.57
C PRO E 103 11.40 -12.26 -22.16
N PHE E 104 10.22 -11.89 -21.68
CA PHE E 104 10.05 -11.38 -20.34
C PHE E 104 8.62 -11.73 -19.94
N ASN E 105 8.36 -11.83 -18.65
CA ASN E 105 7.01 -12.11 -18.21
C ASN E 105 6.82 -11.69 -16.76
N LEU E 106 5.62 -11.23 -16.45
CA LEU E 106 5.29 -10.79 -15.11
C LEU E 106 3.99 -11.42 -14.64
N PRO E 107 4.09 -12.54 -13.90
CA PRO E 107 2.89 -13.21 -13.38
C PRO E 107 2.54 -12.53 -12.05
N ILE E 108 1.26 -12.29 -11.82
CA ILE E 108 0.83 -11.66 -10.56
C ILE E 108 0.09 -12.68 -9.71
N GLU E 109 0.61 -12.95 -8.52
CA GLU E 109 0.00 -13.90 -7.63
C GLU E 109 -1.05 -13.21 -6.78
N ASN E 110 -0.76 -11.98 -6.39
CA ASN E 110 -1.69 -11.20 -5.57
C ASN E 110 -1.47 -9.72 -5.88
N GLY E 111 -2.52 -9.06 -6.38
CA GLY E 111 -2.42 -7.65 -6.72
C GLY E 111 -3.08 -7.38 -8.06
N LEU E 112 -2.98 -6.12 -8.52
CA LEU E 112 -3.58 -5.74 -9.78
C LEU E 112 -2.78 -4.69 -10.53
N ILE E 113 -2.82 -4.75 -11.86
CA ILE E 113 -2.15 -3.75 -12.70
C ILE E 113 -3.17 -2.61 -12.73
N VAL E 114 -2.73 -1.39 -12.38
CA VAL E 114 -3.65 -0.25 -12.38
C VAL E 114 -3.18 0.96 -13.17
N GLY E 115 -2.14 0.80 -14.00
CA GLY E 115 -1.65 1.93 -14.77
C GLY E 115 -0.43 1.61 -15.61
N PHE E 116 -0.19 2.43 -16.63
CA PHE E 116 0.94 2.25 -17.54
C PHE E 116 1.70 3.54 -17.81
N LYS E 117 2.97 3.38 -18.17
CA LYS E 117 3.83 4.50 -18.54
C LYS E 117 4.86 3.92 -19.50
N GLY E 118 5.51 4.79 -20.27
CA GLY E 118 6.50 4.30 -21.20
C GLY E 118 7.01 5.35 -22.15
N SER E 119 7.30 4.92 -23.38
CA SER E 119 7.82 5.79 -24.41
C SER E 119 7.55 5.19 -25.77
N ILE E 120 7.14 6.03 -26.72
CA ILE E 120 6.86 5.55 -28.07
C ILE E 120 7.45 6.53 -29.08
N GLY E 121 8.25 6.00 -30.00
CA GLY E 121 8.85 6.78 -31.06
C GLY E 121 8.22 6.14 -32.28
N TYR E 122 9.02 5.44 -33.08
CA TYR E 122 8.44 4.75 -34.22
C TYR E 122 7.69 3.57 -33.61
N TRP E 123 8.28 3.01 -32.55
CA TRP E 123 7.69 1.87 -31.86
C TRP E 123 7.74 2.09 -30.35
N LEU E 124 7.10 1.18 -29.61
CA LEU E 124 7.09 1.25 -28.15
C LEU E 124 8.52 0.96 -27.70
N ASP E 125 9.19 1.95 -27.13
CA ASP E 125 10.58 1.77 -26.70
C ASP E 125 10.67 0.98 -25.40
N TYR E 126 9.77 1.27 -24.47
CA TYR E 126 9.75 0.57 -23.20
C TYR E 126 8.50 0.93 -22.42
N PHE E 127 8.18 0.14 -21.40
CA PHE E 127 7.00 0.42 -20.58
C PHE E 127 7.09 -0.20 -19.19
N SER E 128 6.38 0.41 -18.25
CA SER E 128 6.31 -0.03 -16.87
C SER E 128 4.85 -0.19 -16.47
N MET E 129 4.60 -0.81 -15.33
CA MET E 129 3.24 -1.00 -14.87
C MET E 129 3.06 -0.67 -13.40
N TYR E 130 1.94 -0.01 -13.09
CA TYR E 130 1.61 0.34 -11.72
C TYR E 130 0.86 -0.86 -11.13
N LEU E 131 1.26 -1.28 -9.94
CA LEU E 131 0.62 -2.41 -9.26
C LEU E 131 0.08 -1.95 -7.92
N SER E 132 -1.08 -2.49 -7.53
CA SER E 132 -1.68 -2.13 -6.27
C SER E 132 -2.54 -3.27 -5.77
N LEU E 133 -3.02 -3.16 -4.54
CA LEU E 133 -3.88 -4.19 -3.97
C LEU E 133 -5.34 -3.78 -4.25
N GLN F 3 7.25 14.38 3.35
CA GLN F 3 6.99 13.89 1.96
C GLN F 3 6.27 14.98 1.16
N SER F 4 5.78 14.62 -0.04
CA SER F 4 5.05 15.58 -0.87
C SER F 4 3.57 15.19 -0.81
N GLY F 5 2.73 15.96 -1.51
CA GLY F 5 1.31 15.67 -1.48
C GLY F 5 0.84 14.77 -2.60
N ILE F 6 1.77 14.03 -3.21
CA ILE F 6 1.42 13.13 -4.31
C ILE F 6 1.44 11.69 -3.87
N SER F 7 0.33 10.99 -4.10
CA SER F 7 0.19 9.59 -3.75
C SER F 7 1.14 8.76 -4.60
N GLN F 8 1.69 7.69 -4.04
CA GLN F 8 2.60 6.86 -4.81
C GLN F 8 2.21 5.39 -4.73
N THR F 9 2.68 4.61 -5.69
CA THR F 9 2.38 3.19 -5.72
C THR F 9 3.57 2.41 -6.25
N VAL F 10 3.52 1.10 -6.14
CA VAL F 10 4.60 0.26 -6.63
C VAL F 10 4.63 0.33 -8.16
N ILE F 11 5.84 0.42 -8.72
CA ILE F 11 6.01 0.45 -10.18
C ILE F 11 7.10 -0.53 -10.60
N VAL F 12 6.72 -1.50 -11.41
CA VAL F 12 7.68 -2.48 -11.90
C VAL F 12 8.04 -2.14 -13.36
N GLY F 13 9.26 -2.46 -13.76
CA GLY F 13 9.69 -2.15 -15.11
C GLY F 13 10.87 -1.19 -15.06
N PRO F 14 11.28 -0.64 -16.21
CA PRO F 14 10.68 -0.90 -17.52
C PRO F 14 11.34 -2.04 -18.29
N TRP F 15 10.60 -2.55 -19.28
CA TRP F 15 11.07 -3.61 -20.16
C TRP F 15 11.25 -2.92 -21.52
N GLY F 16 12.36 -3.18 -22.18
CA GLY F 16 12.62 -2.55 -23.47
C GLY F 16 13.95 -1.81 -23.37
N ALA F 17 14.09 -0.70 -24.09
CA ALA F 17 15.33 0.06 -24.05
C ALA F 17 15.74 0.34 -22.60
N LYS F 18 17.04 0.36 -22.33
CA LYS F 18 17.52 0.59 -20.98
C LYS F 18 17.40 2.05 -20.56
N SER F 19 16.96 2.27 -19.32
CA SER F 19 16.76 3.62 -18.76
C SER F 19 17.74 3.97 -17.65
N SER F 20 18.33 2.94 -17.04
CA SER F 20 19.28 3.15 -15.95
C SER F 20 20.41 2.13 -16.00
N GLY G 1 10.00 -30.64 -4.92
CA GLY G 1 10.78 -30.11 -3.78
C GLY G 1 9.92 -29.79 -2.58
N LYS G 2 10.55 -29.20 -1.56
CA LYS G 2 9.89 -28.84 -0.32
C LYS G 2 9.61 -27.34 -0.35
N ALA G 3 8.33 -26.98 -0.30
CA ALA G 3 7.91 -25.59 -0.36
C ALA G 3 8.24 -24.79 0.88
N PHE G 4 8.41 -23.49 0.70
CA PHE G 4 8.69 -22.56 1.78
C PHE G 4 8.06 -21.19 1.49
N ASP G 5 7.77 -20.45 2.55
CA ASP G 5 7.19 -19.13 2.43
C ASP G 5 7.73 -18.32 3.61
N ASP G 6 8.65 -17.40 3.32
CA ASP G 6 9.25 -16.56 4.36
C ASP G 6 8.29 -15.49 4.88
N GLY G 7 7.41 -15.01 4.01
CA GLY G 7 6.48 -13.97 4.41
C GLY G 7 7.04 -12.61 4.07
N ALA G 8 6.37 -11.55 4.51
CA ALA G 8 6.81 -10.19 4.23
C ALA G 8 7.52 -9.52 5.42
N PHE G 9 8.55 -8.73 5.14
CA PHE G 9 9.29 -8.04 6.19
C PHE G 9 9.45 -6.55 5.92
N THR G 10 10.39 -5.93 6.63
CA THR G 10 10.63 -4.49 6.50
C THR G 10 11.70 -4.16 5.47
N GLY G 11 12.51 -5.15 5.12
CA GLY G 11 13.57 -4.93 4.15
C GLY G 11 14.48 -6.13 4.04
N ILE G 12 15.59 -5.98 3.31
CA ILE G 12 16.52 -7.06 3.14
C ILE G 12 17.92 -6.61 3.49
N ARG G 13 18.59 -7.37 4.36
CA ARG G 13 19.94 -7.04 4.80
C ARG G 13 21.03 -7.89 4.15
N GLU G 14 20.73 -9.15 3.89
CA GLU G 14 21.74 -10.04 3.32
C GLU G 14 21.14 -11.29 2.69
N ILE G 15 21.72 -11.73 1.58
CA ILE G 15 21.28 -12.93 0.89
C ILE G 15 22.40 -13.97 0.81
N ASN G 16 22.11 -15.18 1.28
CA ASN G 16 23.07 -16.28 1.26
C ASN G 16 22.49 -17.36 0.34
N LEU G 17 23.19 -17.66 -0.74
CA LEU G 17 22.73 -18.69 -1.66
C LEU G 17 23.92 -19.48 -2.14
N SER G 18 23.66 -20.63 -2.75
CA SER G 18 24.73 -21.45 -3.27
C SER G 18 24.36 -21.94 -4.65
N TYR G 19 25.36 -22.15 -5.49
CA TYR G 19 25.13 -22.60 -6.85
C TYR G 19 26.18 -23.60 -7.33
N ASN G 20 25.96 -24.13 -8.53
CA ASN G 20 26.88 -25.08 -9.13
C ASN G 20 26.99 -24.74 -10.61
N LYS G 21 28.21 -24.49 -11.07
CA LYS G 21 28.47 -24.13 -12.46
C LYS G 21 27.97 -25.12 -13.50
N GLU G 22 27.49 -26.28 -13.06
CA GLU G 22 27.02 -27.29 -14.00
C GLU G 22 25.52 -27.56 -13.94
N THR G 23 24.87 -27.06 -12.90
CA THR G 23 23.45 -27.32 -12.75
C THR G 23 22.59 -26.09 -12.52
N ALA G 24 22.35 -25.75 -11.25
CA ALA G 24 21.51 -24.61 -10.92
C ALA G 24 21.75 -24.09 -9.51
N ILE G 25 20.78 -23.32 -9.01
CA ILE G 25 20.83 -22.74 -7.68
C ILE G 25 20.47 -23.79 -6.64
N GLY G 26 21.29 -23.85 -5.60
CA GLY G 26 21.08 -24.82 -4.55
C GLY G 26 20.33 -24.28 -3.35
N ASP G 27 21.08 -23.85 -2.35
CA ASP G 27 20.48 -23.33 -1.14
C ASP G 27 20.09 -21.87 -1.25
N PHE G 28 19.22 -21.43 -0.36
CA PHE G 28 18.74 -20.05 -0.36
C PHE G 28 18.28 -19.62 1.03
N GLN G 29 18.87 -18.54 1.53
CA GLN G 29 18.48 -18.03 2.84
C GLN G 29 18.62 -16.53 2.85
N VAL G 30 17.68 -15.85 3.50
CA VAL G 30 17.69 -14.40 3.56
C VAL G 30 17.68 -13.84 4.98
N VAL G 31 18.48 -12.79 5.19
CA VAL G 31 18.51 -12.12 6.48
C VAL G 31 17.74 -10.83 6.21
N TYR G 32 16.53 -10.75 6.73
CA TYR G 32 15.70 -9.57 6.53
C TYR G 32 15.89 -8.54 7.62
N ASP G 33 15.18 -7.44 7.47
CA ASP G 33 15.18 -6.43 8.49
C ASP G 33 13.75 -6.44 9.02
N LEU G 34 13.61 -6.40 10.34
CA LEU G 34 12.29 -6.36 10.94
C LEU G 34 12.26 -5.14 11.84
N ASN G 35 11.74 -4.05 11.32
CA ASN G 35 11.64 -2.82 12.08
C ASN G 35 12.95 -2.39 12.72
N GLY G 36 14.02 -2.42 11.93
CA GLY G 36 15.31 -1.99 12.42
C GLY G 36 16.22 -3.04 13.00
N SER G 37 15.68 -4.24 13.23
CA SER G 37 16.46 -5.33 13.77
C SER G 37 16.63 -6.47 12.76
N PRO G 38 17.85 -7.05 12.68
CA PRO G 38 18.07 -8.14 11.72
C PRO G 38 17.22 -9.35 12.09
N TYR G 39 16.63 -9.97 11.09
CA TYR G 39 15.82 -11.15 11.34
C TYR G 39 16.30 -12.23 10.39
N VAL G 40 16.85 -13.29 10.97
CA VAL G 40 17.38 -14.39 10.17
C VAL G 40 16.29 -15.31 9.67
N GLY G 41 16.11 -15.34 8.35
CA GLY G 41 15.10 -16.20 7.78
C GLY G 41 15.57 -17.63 7.87
N GLN G 42 14.63 -18.57 7.79
CA GLN G 42 14.97 -19.97 7.85
C GLN G 42 15.85 -20.34 6.64
N ASN G 43 16.76 -21.29 6.82
CA ASN G 43 17.64 -21.69 5.74
C ASN G 43 17.02 -22.83 4.93
N HIS G 44 16.72 -22.53 3.66
CA HIS G 44 16.10 -23.50 2.75
C HIS G 44 17.23 -24.18 1.98
N VAL G 45 17.57 -25.38 2.44
CA VAL G 45 18.65 -26.18 1.86
C VAL G 45 18.23 -27.20 0.82
N SER G 46 19.15 -27.47 -0.10
CA SER G 46 18.96 -28.45 -1.16
C SER G 46 19.03 -29.86 -0.55
N PHE G 47 18.50 -30.85 -1.26
CA PHE G 47 18.55 -32.22 -0.76
C PHE G 47 19.99 -32.75 -0.86
N ILE G 48 20.75 -32.21 -1.81
CA ILE G 48 22.13 -32.65 -2.01
C ILE G 48 23.14 -31.56 -1.65
N THR G 49 24.42 -31.85 -1.84
CA THR G 49 25.48 -30.89 -1.54
C THR G 49 26.40 -30.71 -2.73
N GLY G 50 27.54 -30.05 -2.49
CA GLY G 50 28.50 -29.81 -3.57
C GLY G 50 28.33 -28.45 -4.22
N PHE G 51 27.63 -27.54 -3.56
CA PHE G 51 27.40 -26.21 -4.11
C PHE G 51 28.43 -25.19 -3.65
N THR G 52 28.54 -24.09 -4.39
CA THR G 52 29.47 -23.02 -4.03
C THR G 52 28.64 -21.95 -3.34
N PRO G 53 28.94 -21.66 -2.08
CA PRO G 53 28.21 -20.64 -1.32
C PRO G 53 28.59 -19.23 -1.70
N VAL G 54 27.63 -18.31 -1.59
CA VAL G 54 27.83 -16.90 -1.88
C VAL G 54 27.11 -16.10 -0.81
N LYS G 55 27.74 -15.02 -0.36
CA LYS G 55 27.12 -14.17 0.65
C LYS G 55 27.03 -12.76 0.11
N ILE G 56 25.82 -12.21 0.08
CA ILE G 56 25.60 -10.87 -0.43
C ILE G 56 25.16 -9.96 0.72
N SER G 57 26.11 -9.24 1.30
CA SER G 57 25.82 -8.32 2.41
C SER G 57 25.58 -6.93 1.89
N LEU G 58 24.32 -6.48 1.96
CA LEU G 58 23.97 -5.17 1.48
C LEU G 58 24.22 -4.14 2.57
N ASP G 59 24.56 -2.93 2.14
CA ASP G 59 24.80 -1.85 3.08
C ASP G 59 23.45 -1.20 3.41
N PHE G 60 22.61 -1.97 4.10
CA PHE G 60 21.26 -1.55 4.52
C PHE G 60 21.38 -0.34 5.45
N PRO G 61 20.50 0.66 5.30
CA PRO G 61 19.39 0.80 4.34
C PRO G 61 19.67 1.62 3.09
N SER G 62 20.89 2.14 2.95
CA SER G 62 21.21 2.95 1.78
C SER G 62 21.29 2.14 0.48
N GLU G 63 21.66 0.87 0.56
CA GLU G 63 21.74 0.02 -0.63
C GLU G 63 20.59 -0.99 -0.64
N TYR G 64 19.94 -1.13 -1.78
CA TYR G 64 18.82 -2.06 -1.90
C TYR G 64 18.67 -2.57 -3.32
N ILE G 65 18.05 -3.73 -3.47
CA ILE G 65 17.84 -4.36 -4.77
C ILE G 65 16.94 -3.53 -5.68
N MET G 66 17.35 -3.34 -6.92
CA MET G 66 16.57 -2.58 -7.90
C MET G 66 16.10 -3.50 -9.01
N GLU G 67 16.80 -4.62 -9.18
CA GLU G 67 16.43 -5.57 -10.20
C GLU G 67 16.91 -6.98 -9.91
N VAL G 68 16.04 -7.94 -10.21
CA VAL G 68 16.34 -9.35 -10.03
C VAL G 68 16.11 -9.98 -11.39
N SER G 69 17.12 -10.64 -11.92
CA SER G 69 16.97 -11.32 -13.21
C SER G 69 17.60 -12.70 -13.07
N GLY G 70 17.30 -13.58 -14.02
CA GLY G 70 17.86 -14.91 -13.97
C GLY G 70 17.43 -15.73 -15.15
N TYR G 71 17.65 -17.03 -15.08
CA TYR G 71 17.27 -17.96 -16.13
C TYR G 71 16.63 -19.21 -15.54
N THR G 72 15.60 -19.73 -16.21
CA THR G 72 14.98 -20.96 -15.77
C THR G 72 15.27 -21.92 -16.93
N GLY G 73 15.62 -23.15 -16.60
CA GLY G 73 15.91 -24.13 -17.62
C GLY G 73 15.74 -25.54 -17.13
N ASN G 74 16.03 -26.50 -18.01
CA ASN G 74 15.89 -27.90 -17.67
C ASN G 74 17.17 -28.58 -17.18
N VAL G 75 17.06 -29.30 -16.09
CA VAL G 75 18.17 -30.04 -15.50
C VAL G 75 17.60 -31.36 -14.96
N SER G 76 18.06 -32.47 -15.53
CA SER G 76 17.59 -33.79 -15.11
C SER G 76 16.08 -33.96 -15.26
N GLY G 77 15.51 -33.37 -16.30
CA GLY G 77 14.09 -33.48 -16.52
C GLY G 77 13.23 -32.54 -15.71
N TYR G 78 13.87 -31.66 -14.94
CA TYR G 78 13.14 -30.69 -14.13
C TYR G 78 13.39 -29.26 -14.56
N VAL G 79 12.35 -28.44 -14.48
CA VAL G 79 12.47 -27.02 -14.80
C VAL G 79 12.84 -26.38 -13.46
N VAL G 80 13.97 -25.70 -13.43
CA VAL G 80 14.42 -25.05 -12.21
C VAL G 80 15.09 -23.71 -12.50
N VAL G 81 15.35 -22.94 -11.46
CA VAL G 81 16.00 -21.65 -11.62
C VAL G 81 17.50 -21.93 -11.73
N ARG G 82 18.05 -21.76 -12.93
CA ARG G 82 19.46 -22.06 -13.15
C ARG G 82 20.44 -20.97 -12.77
N SER G 83 19.98 -19.73 -12.76
CA SER G 83 20.86 -18.61 -12.45
C SER G 83 20.11 -17.43 -11.81
N LEU G 84 20.85 -16.56 -11.12
CA LEU G 84 20.29 -15.37 -10.49
C LEU G 84 21.29 -14.24 -10.44
N THR G 85 20.80 -13.03 -10.66
CA THR G 85 21.62 -11.83 -10.62
C THR G 85 20.86 -10.79 -9.82
N PHE G 86 21.57 -10.06 -8.96
CA PHE G 86 20.95 -9.02 -8.14
C PHE G 86 21.64 -7.69 -8.39
N LYS G 87 20.87 -6.71 -8.84
CA LYS G 87 21.43 -5.39 -9.09
C LYS G 87 20.87 -4.40 -8.06
N THR G 88 21.76 -3.74 -7.33
CA THR G 88 21.34 -2.77 -6.34
C THR G 88 21.74 -1.42 -6.88
N ASN G 89 21.42 -0.38 -6.14
CA ASN G 89 21.75 0.97 -6.56
C ASN G 89 23.25 1.22 -6.44
N LYS G 90 24.00 0.21 -6.01
CA LYS G 90 25.43 0.37 -5.86
C LYS G 90 26.31 -0.59 -6.64
N LYS G 91 25.88 -1.85 -6.76
CA LYS G 91 26.65 -2.85 -7.48
C LYS G 91 25.76 -3.89 -8.10
N THR G 92 26.37 -4.78 -8.87
CA THR G 92 25.66 -5.89 -9.49
C THR G 92 26.29 -7.14 -8.89
N TYR G 93 25.46 -8.03 -8.38
CA TYR G 93 25.96 -9.26 -7.80
C TYR G 93 25.57 -10.43 -8.71
N GLY G 94 26.58 -11.07 -9.30
CA GLY G 94 26.31 -12.19 -10.17
C GLY G 94 26.72 -11.86 -11.60
N PRO G 95 26.26 -12.64 -12.59
CA PRO G 95 25.35 -13.79 -12.38
C PRO G 95 25.95 -14.97 -11.64
N TYR G 96 25.09 -15.71 -10.97
CA TYR G 96 25.50 -16.91 -10.23
C TYR G 96 24.81 -18.10 -10.88
N GLY G 97 25.58 -19.09 -11.30
CA GLY G 97 25.00 -20.27 -11.92
C GLY G 97 25.22 -20.38 -13.42
N VAL G 98 24.23 -20.94 -14.11
CA VAL G 98 24.33 -21.14 -15.56
C VAL G 98 23.26 -20.33 -16.28
N THR G 99 23.70 -19.44 -17.16
CA THR G 99 22.78 -18.58 -17.91
C THR G 99 22.33 -19.22 -19.23
N SER G 100 21.61 -20.32 -19.10
CA SER G 100 21.10 -21.05 -20.26
C SER G 100 19.63 -21.34 -20.02
N GLY G 101 18.81 -21.22 -21.07
CA GLY G 101 17.40 -21.50 -20.92
C GLY G 101 16.54 -20.32 -21.29
N THR G 102 15.55 -20.03 -20.45
CA THR G 102 14.64 -18.91 -20.69
C THR G 102 14.90 -17.83 -19.65
N PRO G 103 15.22 -16.62 -20.09
CA PRO G 103 15.48 -15.49 -19.18
C PRO G 103 14.24 -14.85 -18.61
N PHE G 104 14.43 -14.07 -17.55
CA PHE G 104 13.34 -13.33 -16.91
C PHE G 104 14.00 -12.25 -16.05
N ASN G 105 13.35 -11.10 -15.94
CA ASN G 105 13.90 -10.03 -15.12
C ASN G 105 12.77 -9.18 -14.54
N LEU G 106 13.00 -8.72 -13.33
CA LEU G 106 12.05 -7.89 -12.63
C LEU G 106 12.75 -6.64 -12.13
N PRO G 107 12.61 -5.53 -12.88
CA PRO G 107 13.23 -4.26 -12.51
C PRO G 107 12.19 -3.48 -11.70
N ILE G 108 12.63 -2.75 -10.67
CA ILE G 108 11.68 -1.99 -9.87
C ILE G 108 11.98 -0.50 -9.95
N GLU G 109 10.98 0.30 -10.34
CA GLU G 109 11.12 1.75 -10.42
C GLU G 109 10.78 2.38 -9.07
N ASN G 110 9.76 1.83 -8.41
CA ASN G 110 9.33 2.36 -7.12
C ASN G 110 8.80 1.21 -6.27
N GLY G 111 9.43 1.00 -5.11
CA GLY G 111 9.02 -0.07 -4.23
C GLY G 111 10.19 -0.96 -3.86
N LEU G 112 9.96 -1.91 -2.97
CA LEU G 112 11.01 -2.80 -2.54
C LEU G 112 10.57 -4.25 -2.49
N ILE G 113 11.54 -5.15 -2.50
CA ILE G 113 11.26 -6.59 -2.37
C ILE G 113 11.34 -6.78 -0.87
N VAL G 114 10.31 -7.36 -0.25
CA VAL G 114 10.32 -7.54 1.20
C VAL G 114 10.16 -8.97 1.67
N GLY G 115 10.16 -9.93 0.75
CA GLY G 115 10.01 -11.31 1.15
C GLY G 115 10.09 -12.26 -0.02
N PHE G 116 10.41 -13.51 0.27
CA PHE G 116 10.52 -14.55 -0.73
C PHE G 116 9.70 -15.79 -0.36
N LYS G 117 9.36 -16.58 -1.37
CA LYS G 117 8.63 -17.83 -1.19
C LYS G 117 8.94 -18.67 -2.41
N GLY G 118 8.87 -19.99 -2.26
CA GLY G 118 9.15 -20.85 -3.38
C GLY G 118 9.25 -22.31 -2.99
N SER G 119 10.09 -23.05 -3.71
CA SER G 119 10.29 -24.47 -3.47
C SER G 119 11.70 -24.90 -3.86
N ILE G 120 12.28 -25.79 -3.06
CA ILE G 120 13.61 -26.29 -3.34
C ILE G 120 13.65 -27.79 -3.09
N GLY G 121 14.14 -28.53 -4.09
CA GLY G 121 14.30 -29.97 -3.98
C GLY G 121 15.80 -30.12 -4.10
N TYR G 122 16.26 -30.63 -5.24
CA TYR G 122 17.69 -30.74 -5.48
C TYR G 122 18.17 -29.31 -5.77
N TRP G 123 17.34 -28.57 -6.51
CA TRP G 123 17.62 -27.19 -6.89
C TRP G 123 16.38 -26.32 -6.68
N LEU G 124 16.56 -25.01 -6.80
CA LEU G 124 15.44 -24.08 -6.63
C LEU G 124 14.45 -24.28 -7.76
N ASP G 125 13.29 -24.85 -7.43
CA ASP G 125 12.24 -25.14 -8.41
C ASP G 125 11.56 -23.90 -8.99
N TYR G 126 11.21 -22.96 -8.13
CA TYR G 126 10.55 -21.73 -8.54
C TYR G 126 10.51 -20.79 -7.35
N PHE G 127 10.18 -19.52 -7.58
CA PHE G 127 10.09 -18.58 -6.49
C PHE G 127 9.28 -17.37 -6.87
N SER G 128 8.73 -16.71 -5.84
CA SER G 128 7.93 -15.50 -5.99
C SER G 128 8.52 -14.46 -5.05
N MET G 129 8.18 -13.20 -5.27
CA MET G 129 8.69 -12.13 -4.40
C MET G 129 7.58 -11.23 -3.89
N TYR G 130 7.69 -10.82 -2.62
CA TYR G 130 6.71 -9.92 -2.01
C TYR G 130 7.19 -8.50 -2.30
N LEU G 131 6.28 -7.65 -2.77
CA LEU G 131 6.63 -6.26 -3.08
C LEU G 131 5.82 -5.30 -2.23
N SER G 132 6.46 -4.22 -1.80
CA SER G 132 5.80 -3.21 -0.99
C SER G 132 6.48 -1.84 -1.12
N LEU G 133 5.81 -0.80 -0.65
CA LEU G 133 6.38 0.55 -0.68
C LEU G 133 7.18 0.80 0.59
N GLN H 3 -12.15 -7.94 5.91
CA GLN H 3 -12.50 -9.39 5.82
C GLN H 3 -11.66 -10.24 6.78
N SER H 4 -10.38 -10.43 6.45
CA SER H 4 -9.50 -11.23 7.31
C SER H 4 -8.65 -10.34 8.21
N GLY H 5 -8.24 -10.89 9.35
CA GLY H 5 -7.41 -10.11 10.26
C GLY H 5 -5.96 -10.19 9.85
N ILE H 6 -5.71 -10.67 8.64
CA ILE H 6 -4.35 -10.82 8.13
C ILE H 6 -3.99 -9.76 7.10
N SER H 7 -2.88 -9.07 7.34
CA SER H 7 -2.37 -8.04 6.45
C SER H 7 -1.93 -8.71 5.15
N GLN H 8 -2.00 -8.00 4.03
CA GLN H 8 -1.56 -8.61 2.77
C GLN H 8 -0.62 -7.72 1.95
N THR H 9 0.06 -8.34 0.99
CA THR H 9 1.04 -7.67 0.15
C THR H 9 0.96 -8.11 -1.30
N VAL H 10 1.45 -7.27 -2.21
CA VAL H 10 1.49 -7.62 -3.61
C VAL H 10 2.52 -8.72 -3.75
N ILE H 11 2.22 -9.72 -4.58
CA ILE H 11 3.13 -10.82 -4.79
C ILE H 11 3.26 -11.11 -6.29
N VAL H 12 4.49 -11.17 -6.78
CA VAL H 12 4.72 -11.45 -8.19
C VAL H 12 5.46 -12.77 -8.32
N GLY H 13 5.23 -13.44 -9.44
CA GLY H 13 5.84 -14.73 -9.67
C GLY H 13 4.71 -15.73 -9.76
N PRO H 14 5.02 -17.03 -9.76
CA PRO H 14 6.37 -17.56 -9.63
C PRO H 14 7.08 -17.68 -10.97
N TRP H 15 8.40 -17.80 -10.90
CA TRP H 15 9.23 -18.00 -12.08
C TRP H 15 9.85 -19.37 -11.85
N GLY H 16 9.85 -20.22 -12.87
CA GLY H 16 10.40 -21.56 -12.73
C GLY H 16 9.37 -22.64 -12.99
N ALA H 17 9.52 -23.75 -12.29
CA ALA H 17 8.60 -24.88 -12.44
C ALA H 17 7.16 -24.51 -12.15
N LYS H 18 6.26 -25.02 -12.99
CA LYS H 18 4.83 -24.77 -12.86
C LYS H 18 4.21 -25.62 -11.75
#